data_8X7M
#
_entry.id   8X7M
#
loop_
_entity.id
_entity.type
_entity.pdbx_description
1 polymer Alpha-synuclein
2 non-polymer "sodium 3,3'-(1E,1'E)-biphenyl-4,4'-diylbis(diazene-2,1-diyl)bis(4-aminonaphthalene-1-sulfonate)"
#
_entity_poly.entity_id   1
_entity_poly.type   'polypeptide(L)'
_entity_poly.pdbx_seq_one_letter_code
;MDVFMKGLSKAKEGVVAAAEKTKQGVAEAAGKTKEGVLYVGSKTKKGVVHGVATVAEKTKEQVTNVGGAVVTGVTAVAQK
TVEGAGSIAAATGFVKKDQLGKNEEGAPQEGILEDMPVDPDNEAYEMPSEEGYQDYEPEA
;
_entity_poly.pdbx_strand_id   F,G,C,D,E,A,B,H,I,J
#
# COMPACT_ATOMS: atom_id res chain seq x y z
N LYS A 45 34.62 10.44 -25.76
CA LYS A 45 35.00 10.51 -24.37
C LYS A 45 35.69 9.24 -23.93
N LYS A 46 36.32 9.28 -22.76
CA LYS A 46 37.08 8.14 -22.25
C LYS A 46 36.84 8.02 -20.75
N GLY A 47 36.71 6.79 -20.28
CA GLY A 47 36.53 6.53 -18.87
C GLY A 47 37.08 5.19 -18.45
N VAL A 48 37.81 5.15 -17.34
CA VAL A 48 38.31 3.90 -16.77
C VAL A 48 37.98 3.92 -15.29
N VAL A 49 37.29 2.90 -14.81
CA VAL A 49 36.89 2.86 -13.41
C VAL A 49 37.41 1.58 -12.79
N HIS A 50 37.57 1.59 -11.48
CA HIS A 50 37.77 0.36 -10.72
C HIS A 50 36.46 -0.13 -10.12
N GLY A 51 35.48 0.73 -9.98
CA GLY A 51 34.28 0.27 -9.34
C GLY A 51 34.34 0.45 -7.83
N VAL A 52 33.23 0.92 -7.28
CA VAL A 52 31.98 1.04 -7.99
C VAL A 52 31.74 2.49 -8.46
N ALA A 53 31.60 2.68 -9.76
CA ALA A 53 31.30 4.01 -10.26
C ALA A 53 29.82 4.13 -10.59
N THR A 54 29.40 5.35 -10.93
CA THR A 54 28.11 5.60 -11.55
C THR A 54 28.24 6.90 -12.34
N VAL A 55 28.42 6.81 -13.64
CA VAL A 55 28.79 7.95 -14.45
C VAL A 55 27.66 8.21 -15.42
N ALA A 56 27.33 9.48 -15.64
CA ALA A 56 26.09 9.79 -16.34
C ALA A 56 26.10 11.21 -16.86
N GLU A 57 25.01 11.57 -17.53
CA GLU A 57 24.68 12.94 -17.88
C GLU A 57 23.16 13.05 -17.91
N LYS A 58 22.66 14.26 -17.57
CA LYS A 58 21.23 14.62 -17.65
C LYS A 58 20.36 13.70 -16.80
N THR A 59 20.81 13.44 -15.59
CA THR A 59 20.33 12.31 -14.83
C THR A 59 19.55 12.69 -13.60
N LYS A 60 18.31 12.24 -13.47
CA LYS A 60 17.51 12.80 -12.38
C LYS A 60 17.90 12.23 -11.03
N GLU A 61 18.18 10.94 -10.90
CA GLU A 61 18.55 10.41 -9.59
C GLU A 61 19.76 9.50 -9.73
N GLN A 62 20.57 9.44 -8.67
CA GLN A 62 21.78 8.63 -8.61
C GLN A 62 22.00 8.13 -7.21
N VAL A 63 22.35 6.86 -7.09
CA VAL A 63 22.72 6.26 -5.82
C VAL A 63 23.94 5.37 -6.08
N THR A 64 24.95 5.50 -5.25
CA THR A 64 26.08 4.59 -5.25
C THR A 64 26.23 4.04 -3.86
N ASN A 65 26.32 2.73 -3.73
CA ASN A 65 26.38 2.18 -2.40
C ASN A 65 27.42 1.07 -2.39
N VAL A 66 28.15 0.99 -1.28
CA VAL A 66 28.93 -0.15 -0.88
C VAL A 66 28.69 -0.25 0.61
N GLY A 67 27.99 -1.27 1.10
CA GLY A 67 27.77 -1.31 2.53
C GLY A 67 26.73 -2.31 3.00
N GLY A 68 25.79 -1.85 3.81
CA GLY A 68 25.34 -0.47 3.90
C GLY A 68 23.96 -0.25 3.34
N ALA A 69 23.37 0.91 3.64
CA ALA A 69 22.00 1.18 3.27
C ALA A 69 21.85 2.60 2.75
N VAL A 70 20.97 2.76 1.78
CA VAL A 70 20.61 4.06 1.22
C VAL A 70 19.11 4.06 1.01
N VAL A 71 18.41 5.03 1.58
CA VAL A 71 16.98 5.16 1.41
C VAL A 71 16.72 6.54 0.83
N THR A 72 16.20 6.58 -0.38
CA THR A 72 15.96 7.84 -1.05
C THR A 72 14.52 7.93 -1.53
N GLY A 73 13.74 6.88 -1.38
CA GLY A 73 12.42 6.83 -1.95
C GLY A 73 11.31 6.98 -0.93
N VAL A 74 10.14 7.32 -1.46
CA VAL A 74 8.95 7.53 -0.66
C VAL A 74 8.53 6.20 -0.05
N THR A 75 8.20 6.21 1.22
CA THR A 75 7.92 4.98 1.93
C THR A 75 6.92 5.23 3.03
N ALA A 76 5.85 4.47 3.07
CA ALA A 76 4.84 4.64 4.09
C ALA A 76 4.55 3.30 4.71
N VAL A 77 4.73 3.17 6.00
CA VAL A 77 4.41 1.95 6.70
C VAL A 77 3.39 2.30 7.76
N ALA A 78 2.26 1.63 7.72
CA ALA A 78 1.26 1.77 8.76
C ALA A 78 1.05 0.40 9.34
N GLN A 79 1.03 0.30 10.66
CA GLN A 79 1.12 -1.00 11.27
C GLN A 79 0.43 -0.96 12.61
N LYS A 80 -0.16 -2.08 13.01
CA LYS A 80 -1.04 -2.08 14.17
C LYS A 80 -0.57 -2.99 15.29
N THR A 81 0.07 -4.12 14.99
CA THR A 81 0.54 -5.01 16.04
C THR A 81 1.60 -5.92 15.48
N VAL A 82 2.75 -5.99 16.15
CA VAL A 82 3.83 -6.89 15.77
C VAL A 82 4.16 -7.76 16.96
N GLU A 83 4.16 -9.07 16.77
CA GLU A 83 4.45 -10.02 17.82
C GLU A 83 5.41 -11.06 17.27
N GLY A 84 5.70 -12.07 18.06
CA GLY A 84 6.50 -13.19 17.60
C GLY A 84 7.99 -12.93 17.76
N ALA A 85 8.75 -14.02 17.82
CA ALA A 85 10.16 -13.95 18.17
C ALA A 85 10.98 -14.89 17.28
N GLY A 86 11.49 -14.36 16.17
CA GLY A 86 11.38 -12.97 15.79
C GLY A 86 11.11 -12.81 14.32
N SER A 87 10.08 -12.06 13.99
CA SER A 87 9.54 -12.01 12.65
C SER A 87 9.82 -10.67 12.00
N ILE A 88 10.41 -10.69 10.81
CA ILE A 88 10.64 -9.47 10.06
C ILE A 88 9.26 -9.09 9.55
N ALA A 89 8.68 -8.05 10.14
CA ALA A 89 7.33 -7.63 9.82
C ALA A 89 7.23 -7.02 8.42
N ALA A 90 7.77 -5.82 8.26
CA ALA A 90 7.72 -5.15 6.96
C ALA A 90 9.11 -4.67 6.56
N ALA A 91 9.75 -5.43 5.68
CA ALA A 91 11.09 -5.09 5.24
C ALA A 91 11.08 -4.65 3.78
N THR A 92 11.67 -3.51 3.49
CA THR A 92 11.69 -3.07 2.09
C THR A 92 13.00 -3.44 1.41
N GLY A 93 14.12 -2.92 1.89
CA GLY A 93 15.40 -3.32 1.36
C GLY A 93 16.20 -3.89 2.49
N PHE A 94 16.63 -5.13 2.39
CA PHE A 94 17.01 -5.84 3.58
C PHE A 94 18.11 -6.80 3.20
N VAL A 95 19.05 -7.02 4.12
CA VAL A 95 20.18 -7.90 3.94
C VAL A 95 20.60 -8.43 5.30
N LYS A 96 20.57 -9.73 5.48
CA LYS A 96 20.95 -10.34 6.75
C LYS A 96 22.00 -11.42 6.54
N LYS A 97 23.23 -11.14 6.96
CA LYS A 97 24.32 -12.10 6.80
C LYS A 97 24.97 -12.45 8.13
N ASP A 98 24.16 -12.87 9.10
CA ASP A 98 24.66 -13.25 10.41
C ASP A 98 25.62 -14.43 10.30
N GLN A 99 26.66 -14.42 11.13
CA GLN A 99 27.64 -15.51 11.13
C GLN A 99 27.68 -16.21 12.47
N LYS B 45 33.84 6.39 -28.42
CA LYS B 45 34.18 6.46 -27.02
C LYS B 45 34.86 5.17 -26.56
N LYS B 46 35.45 5.21 -25.38
CA LYS B 46 36.18 4.07 -24.85
C LYS B 46 35.91 3.96 -23.35
N GLY B 47 35.74 2.73 -22.88
CA GLY B 47 35.54 2.49 -21.47
C GLY B 47 36.04 1.14 -21.04
N VAL B 48 36.75 1.09 -19.91
CA VAL B 48 37.22 -0.16 -19.32
C VAL B 48 36.85 -0.13 -17.85
N VAL B 49 36.13 -1.14 -17.38
CA VAL B 49 35.71 -1.15 -15.98
C VAL B 49 36.19 -2.44 -15.35
N HIS B 50 36.33 -2.43 -14.03
CA HIS B 50 36.48 -3.66 -13.26
C HIS B 50 35.16 -4.12 -12.68
N GLY B 51 34.19 -3.24 -12.57
CA GLY B 51 32.97 -3.68 -11.95
C GLY B 51 33.00 -3.48 -10.45
N VAL B 52 31.89 -2.99 -9.91
CA VAL B 52 30.66 -2.86 -10.65
C VAL B 52 30.46 -1.41 -11.14
N ALA B 53 30.34 -1.21 -12.45
CA ALA B 53 30.08 0.13 -12.94
C ALA B 53 28.61 0.27 -13.31
N THR B 54 28.24 1.49 -13.67
CA THR B 54 26.95 1.77 -14.32
C THR B 54 27.12 3.06 -15.10
N VAL B 55 27.33 2.95 -16.41
CA VAL B 55 27.74 4.08 -17.22
C VAL B 55 26.63 4.36 -18.21
N ALA B 56 26.33 5.63 -18.45
CA ALA B 56 25.11 5.96 -19.17
C ALA B 56 25.16 7.39 -19.70
N GLU B 57 24.09 7.76 -20.38
CA GLU B 57 23.79 9.13 -20.75
C GLU B 57 22.28 9.29 -20.81
N LYS B 58 21.79 10.49 -20.48
CA LYS B 58 20.37 10.88 -20.60
C LYS B 58 19.47 9.99 -19.76
N THR B 59 19.89 9.72 -18.53
CA THR B 59 19.36 8.60 -17.78
C THR B 59 18.58 9.02 -16.57
N LYS B 60 17.32 8.60 -16.46
CA LYS B 60 16.51 9.16 -15.40
C LYS B 60 16.87 8.60 -14.03
N GLU B 61 17.12 7.30 -13.89
CA GLU B 61 17.45 6.78 -12.57
C GLU B 61 18.65 5.84 -12.67
N GLN B 62 19.44 5.78 -11.61
CA GLN B 62 20.62 4.94 -11.53
C GLN B 62 20.81 4.44 -10.12
N VAL B 63 21.14 3.16 -9.98
CA VAL B 63 21.47 2.56 -8.69
C VAL B 63 22.66 1.66 -8.92
N THR B 64 23.67 1.76 -8.07
CA THR B 64 24.78 0.83 -8.06
C THR B 64 24.90 0.28 -6.66
N ASN B 65 24.96 -1.02 -6.51
CA ASN B 65 24.98 -1.57 -5.18
C ASN B 65 26.00 -2.69 -5.14
N VAL B 66 26.70 -2.78 -4.02
CA VAL B 66 27.45 -3.95 -3.60
C VAL B 66 27.17 -4.03 -2.12
N GLY B 67 26.45 -5.03 -1.64
CA GLY B 67 26.19 -5.06 -0.21
C GLY B 67 25.13 -6.03 0.25
N GLY B 68 24.18 -5.55 1.05
CA GLY B 68 23.76 -4.16 1.11
C GLY B 68 22.39 -3.91 0.52
N ALA B 69 21.82 -2.74 0.80
CA ALA B 69 20.46 -2.45 0.40
C ALA B 69 20.35 -1.02 -0.12
N VAL B 70 19.49 -0.85 -1.12
CA VAL B 70 19.17 0.45 -1.68
C VAL B 70 17.68 0.48 -1.94
N VAL B 71 16.99 1.47 -1.37
CA VAL B 71 15.56 1.63 -1.57
C VAL B 71 15.34 3.01 -2.16
N THR B 72 14.85 3.05 -3.38
CA THR B 72 14.64 4.30 -4.08
C THR B 72 13.21 4.42 -4.59
N GLY B 73 12.41 3.38 -4.44
CA GLY B 73 11.10 3.36 -5.04
C GLY B 73 9.98 3.54 -4.04
N VAL B 74 8.84 3.90 -4.59
CA VAL B 74 7.63 4.14 -3.82
C VAL B 74 7.16 2.83 -3.21
N THR B 75 6.80 2.85 -1.94
CA THR B 75 6.49 1.62 -1.23
C THR B 75 5.47 1.91 -0.16
N ALA B 76 4.38 1.17 -0.13
CA ALA B 76 3.36 1.36 0.87
C ALA B 76 3.04 0.02 1.49
N VAL B 77 3.20 -0.09 2.78
CA VAL B 77 2.83 -1.31 3.48
C VAL B 77 1.79 -0.94 4.52
N ALA B 78 0.65 -1.57 4.46
CA ALA B 78 -0.37 -1.41 5.47
C ALA B 78 -0.62 -2.78 6.07
N GLN B 79 -0.66 -2.87 7.38
CA GLN B 79 -0.61 -4.16 8.00
C GLN B 79 -1.32 -4.10 9.33
N LYS B 80 -1.96 -5.21 9.72
CA LYS B 80 -2.85 -5.18 10.87
C LYS B 80 -2.42 -6.10 12.00
N THR B 81 -1.79 -7.23 11.71
CA THR B 81 -1.37 -8.13 12.78
C THR B 81 -0.31 -9.06 12.25
N VAL B 82 0.82 -9.16 12.93
CA VAL B 82 1.89 -10.08 12.58
C VAL B 82 2.17 -10.95 13.79
N GLU B 83 2.17 -12.26 13.59
CA GLU B 83 2.42 -13.21 14.67
C GLU B 83 3.36 -14.26 14.14
N GLY B 84 3.62 -15.28 14.95
CA GLY B 84 4.41 -16.41 14.51
C GLY B 84 5.89 -16.19 14.69
N ALA B 85 6.62 -17.29 14.77
CA ALA B 85 8.03 -17.25 15.16
C ALA B 85 8.85 -18.20 14.29
N GLY B 86 9.40 -17.70 13.18
CA GLY B 86 9.32 -16.30 12.79
C GLY B 86 9.09 -16.16 11.32
N SER B 87 8.08 -15.38 10.96
CA SER B 87 7.56 -15.33 9.61
C SER B 87 7.88 -14.00 8.95
N ILE B 88 8.49 -14.04 7.77
CA ILE B 88 8.77 -12.83 7.03
C ILE B 88 7.40 -12.42 6.48
N ALA B 89 6.83 -11.37 7.06
CA ALA B 89 5.49 -10.93 6.71
C ALA B 89 5.43 -10.32 5.30
N ALA B 90 6.01 -9.13 5.15
CA ALA B 90 5.98 -8.47 3.85
C ALA B 90 7.39 -8.03 3.47
N ALA B 91 8.04 -8.80 2.61
CA ALA B 91 9.40 -8.49 2.18
C ALA B 91 9.42 -8.06 0.73
N THR B 92 10.04 -6.93 0.44
CA THR B 92 10.10 -6.50 -0.95
C THR B 92 11.41 -6.90 -1.60
N GLY B 93 12.53 -6.40 -1.11
CA GLY B 93 13.81 -6.82 -1.61
C GLY B 93 14.58 -7.40 -0.46
N PHE B 94 14.98 -8.66 -0.55
CA PHE B 94 15.33 -9.36 0.65
C PHE B 94 16.42 -10.35 0.31
N VAL B 95 17.33 -10.57 1.25
CA VAL B 95 18.44 -11.49 1.09
C VAL B 95 18.84 -12.01 2.46
N LYS B 96 18.77 -13.31 2.65
CA LYS B 96 19.12 -13.93 3.92
C LYS B 96 20.15 -15.02 3.74
N LYS B 97 21.38 -14.77 4.18
CA LYS B 97 22.45 -15.75 4.06
C LYS B 97 23.06 -16.10 5.40
N ASP B 98 22.22 -16.50 6.35
CA ASP B 98 22.70 -16.88 7.67
C ASP B 98 23.62 -18.08 7.60
N GLN B 99 24.66 -18.10 8.44
CA GLN B 99 25.61 -19.19 8.46
C GLN B 99 25.62 -19.90 9.81
N LYS C 45 32.92 2.34 -31.13
CA LYS C 45 33.24 2.42 -29.71
C LYS C 45 33.88 1.13 -29.23
N LYS C 46 34.46 1.16 -28.03
CA LYS C 46 35.15 0.01 -27.48
C LYS C 46 34.85 -0.08 -25.99
N GLY C 47 34.64 -1.30 -25.51
CA GLY C 47 34.41 -1.53 -24.10
C GLY C 47 34.89 -2.89 -23.65
N VAL C 48 35.58 -2.93 -22.52
CA VAL C 48 36.01 -4.19 -21.89
C VAL C 48 35.62 -4.13 -20.44
N VAL C 49 34.87 -5.13 -19.97
CA VAL C 49 34.42 -5.11 -18.58
C VAL C 49 34.87 -6.41 -17.93
N HIS C 50 34.98 -6.39 -16.61
CA HIS C 50 35.09 -7.61 -15.83
C HIS C 50 33.76 -8.05 -15.27
N GLY C 51 32.81 -7.15 -15.18
CA GLY C 51 31.56 -7.55 -14.58
C GLY C 51 31.56 -7.35 -13.08
N VAL C 52 30.45 -6.83 -12.57
CA VAL C 52 29.24 -6.67 -13.34
C VAL C 52 29.07 -5.23 -13.84
N ALA C 53 28.99 -5.04 -15.14
CA ALA C 53 28.76 -3.71 -15.66
C ALA C 53 27.31 -3.54 -16.05
N THR C 54 26.95 -2.32 -16.44
CA THR C 54 25.68 -2.02 -17.11
C THR C 54 25.90 -0.74 -17.90
N VAL C 55 26.12 -0.86 -19.19
CA VAL C 55 26.58 0.25 -20.01
C VAL C 55 25.49 0.54 -21.03
N ALA C 56 25.22 1.82 -21.28
CA ALA C 56 24.02 2.16 -22.03
C ALA C 56 24.10 3.58 -22.56
N GLU C 57 23.05 3.96 -23.27
CA GLU C 57 22.78 5.33 -23.67
C GLU C 57 21.28 5.52 -23.74
N LYS C 58 20.80 6.73 -23.44
CA LYS C 58 19.40 7.16 -23.59
C LYS C 58 18.46 6.29 -22.75
N THR C 59 18.86 6.02 -21.52
CA THR C 59 18.29 4.91 -20.77
C THR C 59 17.49 5.36 -19.57
N LYS C 60 16.23 4.96 -19.49
CA LYS C 60 15.41 5.56 -18.44
C LYS C 60 15.74 5.00 -17.06
N GLU C 61 15.95 3.70 -16.90
CA GLU C 61 16.25 3.18 -15.58
C GLU C 61 17.43 2.22 -15.66
N GLN C 62 18.20 2.15 -14.57
CA GLN C 62 19.37 1.29 -14.47
C GLN C 62 19.52 0.81 -13.04
N VAL C 63 19.82 -0.48 -12.89
CA VAL C 63 20.12 -1.07 -11.59
C VAL C 63 21.30 -2.01 -11.80
N THR C 64 22.29 -1.91 -10.92
CA THR C 64 23.39 -2.86 -10.87
C THR C 64 23.46 -3.39 -9.46
N ASN C 65 23.51 -4.70 -9.32
CA ASN C 65 23.49 -5.24 -7.98
C ASN C 65 24.48 -6.38 -7.91
N VAL C 66 25.16 -6.47 -6.78
CA VAL C 66 25.88 -7.65 -6.32
C VAL C 66 25.57 -7.71 -4.85
N GLY C 67 24.83 -8.70 -4.38
CA GLY C 67 24.55 -8.71 -2.96
C GLY C 67 23.46 -9.65 -2.51
N GLY C 68 22.50 -9.14 -1.73
CA GLY C 68 22.11 -7.75 -1.69
C GLY C 68 20.76 -7.48 -2.30
N ALA C 69 20.20 -6.30 -2.04
CA ALA C 69 18.84 -5.98 -2.47
C ALA C 69 18.78 -4.56 -3.01
N VAL C 70 17.95 -4.39 -4.03
CA VAL C 70 17.65 -3.08 -4.60
C VAL C 70 16.17 -3.03 -4.88
N VAL C 71 15.49 -2.03 -4.34
CA VAL C 71 14.07 -1.83 -4.58
C VAL C 71 13.88 -0.47 -5.18
N THR C 72 13.41 -0.42 -6.41
CA THR C 72 13.24 0.83 -7.11
C THR C 72 11.83 0.97 -7.64
N GLY C 73 11.00 -0.04 -7.51
CA GLY C 73 9.70 -0.05 -8.13
C GLY C 73 8.56 0.15 -7.16
N VAL C 74 7.44 0.53 -7.73
CA VAL C 74 6.22 0.80 -6.99
C VAL C 74 5.73 -0.50 -6.37
N THR C 75 5.34 -0.46 -5.11
CA THR C 75 4.99 -1.68 -4.40
C THR C 75 3.96 -1.36 -3.34
N ALA C 76 2.86 -2.08 -3.33
CA ALA C 76 1.82 -1.86 -2.35
C ALA C 76 1.46 -3.18 -1.73
N VAL C 77 1.59 -3.29 -0.42
CA VAL C 77 1.20 -4.49 0.28
C VAL C 77 0.15 -4.10 1.28
N ALA C 78 -1.01 -4.70 1.21
CA ALA C 78 -2.04 -4.52 2.21
C ALA C 78 -2.33 -5.87 2.80
N GLN C 79 -2.41 -5.95 4.12
CA GLN C 79 -2.39 -7.24 4.74
C GLN C 79 -3.12 -7.16 6.07
N LYS C 80 -3.78 -8.24 6.45
CA LYS C 80 -4.69 -8.19 7.59
C LYS C 80 -4.30 -9.10 8.73
N THR C 81 -3.68 -10.26 8.47
CA THR C 81 -3.30 -11.15 9.55
C THR C 81 -2.25 -12.11 9.05
N VAL C 82 -1.12 -12.22 9.76
CA VAL C 82 -0.07 -13.16 9.43
C VAL C 82 0.16 -14.02 10.66
N GLU C 83 0.14 -15.34 10.47
CA GLU C 83 0.35 -16.28 11.55
C GLU C 83 1.29 -17.36 11.05
N GLY C 84 1.50 -18.38 11.87
CA GLY C 84 2.28 -19.52 11.45
C GLY C 84 3.77 -19.33 11.66
N ALA C 85 4.48 -20.45 11.77
CA ALA C 85 5.88 -20.42 12.18
C ALA C 85 6.69 -21.40 11.33
N GLY C 86 7.27 -20.91 10.22
CA GLY C 86 7.23 -19.53 9.83
C GLY C 86 7.03 -19.38 8.34
N SER C 87 6.04 -18.59 7.97
CA SER C 87 5.54 -18.54 6.61
C SER C 87 5.90 -17.22 5.95
N ILE C 88 6.53 -17.29 4.78
CA ILE C 88 6.85 -16.09 4.03
C ILE C 88 5.50 -15.66 3.46
N ALA C 89 4.93 -14.59 4.02
CA ALA C 89 3.61 -14.13 3.63
C ALA C 89 3.59 -13.53 2.22
N ALA C 90 4.18 -12.36 2.06
CA ALA C 90 4.21 -11.70 0.76
C ALA C 90 5.63 -11.28 0.40
N ALA C 91 6.28 -12.09 -0.44
CA ALA C 91 7.65 -11.80 -0.83
C ALA C 91 7.70 -11.39 -2.30
N THR C 92 8.35 -10.27 -2.59
CA THR C 92 8.44 -9.86 -3.98
C THR C 92 9.76 -10.28 -4.61
N GLY C 93 10.87 -9.80 -4.09
CA GLY C 93 12.16 -10.25 -4.57
C GLY C 93 12.90 -10.84 -3.39
N PHE C 94 13.28 -12.10 -3.47
CA PHE C 94 13.59 -12.80 -2.25
C PHE C 94 14.67 -13.82 -2.58
N VAL C 95 15.55 -14.04 -1.62
CA VAL C 95 16.66 -14.99 -1.75
C VAL C 95 17.01 -15.49 -0.36
N LYS C 96 16.92 -16.80 -0.16
CA LYS C 96 17.23 -17.40 1.13
C LYS C 96 18.24 -18.52 0.97
N LYS C 97 19.47 -18.29 1.44
CA LYS C 97 20.52 -19.29 1.33
C LYS C 97 21.11 -19.64 2.69
N ASP C 98 20.25 -20.02 3.63
CA ASP C 98 20.68 -20.39 4.97
C ASP C 98 21.59 -21.62 4.92
N GLN C 99 22.61 -21.63 5.78
CA GLN C 99 23.54 -22.74 5.83
C GLN C 99 23.50 -23.44 7.18
N LYS D 45 31.94 -1.73 -33.82
CA LYS D 45 32.24 -1.63 -32.40
C LYS D 45 32.84 -2.93 -31.90
N LYS D 46 33.40 -2.90 -30.69
CA LYS D 46 34.06 -4.07 -30.12
C LYS D 46 33.74 -4.13 -28.64
N GLY D 47 33.50 -5.35 -28.15
CA GLY D 47 33.24 -5.55 -26.74
C GLY D 47 33.68 -6.92 -26.27
N VAL D 48 34.35 -6.97 -25.12
CA VAL D 48 34.74 -8.22 -24.48
C VAL D 48 34.33 -8.16 -23.03
N VAL D 49 33.55 -9.12 -22.57
CA VAL D 49 33.07 -9.09 -21.19
C VAL D 49 33.50 -10.40 -20.52
N HIS D 50 33.58 -10.36 -19.19
CA HIS D 50 33.66 -11.58 -18.40
C HIS D 50 32.30 -11.99 -17.86
N GLY D 51 31.37 -11.06 -17.80
CA GLY D 51 30.11 -11.44 -17.22
C GLY D 51 30.08 -11.22 -15.72
N VAL D 52 28.98 -10.68 -15.23
CA VAL D 52 27.77 -10.51 -16.03
C VAL D 52 27.66 -9.07 -16.54
N ALA D 53 27.60 -8.90 -17.85
CA ALA D 53 27.39 -7.56 -18.39
C ALA D 53 25.94 -7.37 -18.81
N THR D 54 25.63 -6.14 -19.20
CA THR D 54 24.38 -5.83 -19.90
C THR D 54 24.62 -4.56 -20.69
N VAL D 55 24.88 -4.69 -21.99
CA VAL D 55 25.36 -3.60 -22.80
C VAL D 55 24.30 -3.30 -23.84
N ALA D 56 24.05 -2.02 -24.12
CA ALA D 56 22.88 -1.65 -24.88
C ALA D 56 23.00 -0.25 -25.43
N GLU D 57 21.97 0.15 -26.16
CA GLU D 57 21.73 1.52 -26.57
C GLU D 57 20.23 1.73 -26.69
N LYS D 58 19.78 2.96 -26.40
CA LYS D 58 18.38 3.40 -26.57
C LYS D 58 17.42 2.56 -25.75
N THR D 59 17.78 2.30 -24.51
CA THR D 59 17.20 1.21 -23.76
C THR D 59 16.37 1.68 -22.58
N LYS D 60 15.09 1.31 -22.51
CA LYS D 60 14.27 1.93 -21.48
C LYS D 60 14.56 1.38 -20.09
N GLU D 61 14.76 0.08 -19.93
CA GLU D 61 15.02 -0.45 -18.59
C GLU D 61 16.18 -1.43 -18.64
N GLN D 62 16.93 -1.49 -17.54
CA GLN D 62 18.08 -2.38 -17.39
C GLN D 62 18.21 -2.85 -15.97
N VAL D 63 18.48 -4.14 -15.80
CA VAL D 63 18.73 -4.72 -14.50
C VAL D 63 19.90 -5.68 -14.66
N THR D 64 20.88 -5.59 -13.78
CA THR D 64 21.96 -6.57 -13.71
C THR D 64 22.00 -7.09 -12.29
N ASN D 65 22.00 -8.40 -12.13
CA ASN D 65 21.96 -8.93 -10.78
C ASN D 65 22.93 -10.09 -10.69
N VAL D 66 23.59 -10.18 -9.54
CA VAL D 66 24.28 -11.36 -9.07
C VAL D 66 23.95 -11.41 -7.60
N GLY D 67 23.17 -12.37 -7.13
CA GLY D 67 22.86 -12.37 -5.72
C GLY D 67 21.76 -13.29 -5.28
N GLY D 68 20.79 -12.76 -4.53
CA GLY D 68 20.42 -11.35 -4.50
C GLY D 68 19.08 -11.06 -5.14
N ALA D 69 18.54 -9.87 -4.90
CA ALA D 69 17.21 -9.52 -5.35
C ALA D 69 17.18 -8.12 -5.91
N VAL D 70 16.36 -7.93 -6.94
CA VAL D 70 16.10 -6.62 -7.53
C VAL D 70 14.63 -6.55 -7.85
N VAL D 71 13.95 -5.53 -7.32
CA VAL D 71 12.54 -5.31 -7.58
C VAL D 71 12.39 -3.94 -8.20
N THR D 72 11.95 -3.90 -9.44
CA THR D 72 11.81 -2.65 -10.16
C THR D 72 10.41 -2.49 -10.72
N GLY D 73 9.57 -3.50 -10.59
CA GLY D 73 8.28 -3.48 -11.23
C GLY D 73 7.13 -3.25 -10.28
N VAL D 74 6.02 -2.85 -10.88
CA VAL D 74 4.80 -2.56 -10.16
C VAL D 74 4.27 -3.84 -9.55
N THR D 75 3.86 -3.78 -8.29
CA THR D 75 3.48 -4.98 -7.57
C THR D 75 2.44 -4.63 -6.54
N ALA D 76 1.31 -5.34 -6.54
CA ALA D 76 0.26 -5.08 -5.58
C ALA D 76 -0.14 -6.40 -4.96
N VAL D 77 -0.03 -6.50 -3.64
CA VAL D 77 -0.46 -7.68 -2.95
C VAL D 77 -1.52 -7.26 -1.95
N ALA D 78 -2.68 -7.86 -2.04
CA ALA D 78 -3.73 -7.63 -1.07
C ALA D 78 -4.06 -8.98 -0.46
N GLN D 79 -4.14 -9.04 0.85
CA GLN D 79 -4.17 -10.33 1.48
C GLN D 79 -4.93 -10.22 2.80
N LYS D 80 -5.60 -11.29 3.18
CA LYS D 80 -6.54 -11.21 4.29
C LYS D 80 -6.19 -12.13 5.46
N THR D 81 -5.60 -13.28 5.21
CA THR D 81 -5.25 -14.18 6.31
C THR D 81 -4.20 -15.16 5.83
N VAL D 82 -3.09 -15.29 6.56
CA VAL D 82 -2.05 -16.25 6.27
C VAL D 82 -1.85 -17.10 7.50
N GLU D 83 -1.91 -18.42 7.32
CA GLU D 83 -1.72 -19.35 8.42
C GLU D 83 -0.80 -20.46 7.94
N GLY D 84 -0.62 -21.47 8.77
CA GLY D 84 0.15 -22.64 8.38
C GLY D 84 1.64 -22.47 8.62
N ALA D 85 2.32 -23.59 8.75
CA ALA D 85 3.72 -23.59 9.18
C ALA D 85 4.53 -24.59 8.35
N GLY D 86 5.13 -24.13 7.26
CA GLY D 86 5.11 -22.74 6.85
C GLY D 86 4.95 -22.61 5.36
N SER D 87 3.98 -21.81 4.96
CA SER D 87 3.51 -21.75 3.59
C SER D 87 3.91 -20.45 2.93
N ILE D 88 4.56 -20.54 1.77
CA ILE D 88 4.91 -19.36 1.02
C ILE D 88 3.58 -18.90 0.42
N ALA D 89 3.03 -17.82 0.95
CA ALA D 89 1.72 -17.33 0.54
C ALA D 89 1.74 -16.75 -0.87
N ALA D 90 2.36 -15.59 -1.04
CA ALA D 90 2.41 -14.95 -2.34
C ALA D 90 3.84 -14.57 -2.67
N ALA D 91 4.50 -15.39 -3.50
CA ALA D 91 5.87 -15.13 -3.87
C ALA D 91 5.96 -14.72 -5.33
N THR D 92 6.64 -13.62 -5.63
CA THR D 92 6.76 -13.22 -7.02
C THR D 92 8.08 -13.68 -7.62
N GLY D 93 9.20 -13.22 -7.09
CA GLY D 93 10.48 -13.70 -7.54
C GLY D 93 11.19 -14.29 -6.34
N PHE D 94 11.55 -15.55 -6.40
CA PHE D 94 11.82 -16.25 -5.17
C PHE D 94 12.89 -17.29 -5.47
N VAL D 95 13.75 -17.52 -4.49
CA VAL D 95 14.84 -18.48 -4.60
C VAL D 95 15.16 -18.99 -3.20
N LYS D 96 15.03 -20.29 -2.99
CA LYS D 96 15.31 -20.88 -1.68
C LYS D 96 16.31 -22.02 -1.82
N LYS D 97 17.52 -21.81 -1.34
CA LYS D 97 18.56 -22.83 -1.41
C LYS D 97 19.12 -23.18 -0.03
N ASP D 98 18.23 -23.52 0.89
CA ASP D 98 18.65 -23.90 2.23
C ASP D 98 19.53 -25.14 2.22
N GLN D 99 20.53 -25.16 3.10
CA GLN D 99 21.44 -26.30 3.17
C GLN D 99 21.37 -26.99 4.53
N LYS E 45 -37.57 -13.18 21.06
CA LYS E 45 -37.17 -11.78 21.17
C LYS E 45 -38.03 -10.92 20.27
N LYS E 46 -37.96 -9.61 20.47
CA LYS E 46 -38.77 -8.67 19.72
C LYS E 46 -37.93 -7.45 19.39
N GLY E 47 -38.10 -6.93 18.17
CA GLY E 47 -37.40 -5.73 17.76
C GLY E 47 -38.17 -4.94 16.73
N VAL E 48 -38.24 -3.63 16.91
CA VAL E 48 -38.86 -2.73 15.95
C VAL E 48 -37.90 -1.58 15.70
N VAL E 49 -37.54 -1.34 14.45
CA VAL E 49 -36.58 -0.29 14.15
C VAL E 49 -37.22 0.67 13.15
N HIS E 50 -36.73 1.90 13.12
CA HIS E 50 -37.02 2.82 12.02
C HIS E 50 -35.91 2.82 11.00
N GLY E 51 -34.72 2.37 11.36
CA GLY E 51 -33.66 2.45 10.40
C GLY E 51 -32.92 3.77 10.46
N VAL E 52 -31.61 3.70 10.39
CA VAL E 52 -30.91 2.48 10.03
C VAL E 52 -30.37 1.77 11.28
N ALA E 53 -30.79 0.54 11.51
CA ALA E 53 -30.25 -0.21 12.63
C ALA E 53 -29.19 -1.20 12.15
N THR E 54 -28.53 -1.85 13.12
CA THR E 54 -27.69 -3.02 12.86
C THR E 54 -27.65 -3.81 14.16
N VAL E 55 -28.45 -4.86 14.24
CA VAL E 55 -28.66 -5.56 15.50
C VAL E 55 -28.12 -6.96 15.35
N ALA E 56 -27.46 -7.48 16.38
CA ALA E 56 -26.68 -8.70 16.20
C ALA E 56 -26.37 -9.33 17.54
N GLU E 57 -25.67 -10.46 17.47
CA GLU E 57 -25.03 -11.11 18.59
C GLU E 57 -23.80 -11.83 18.09
N LYS E 58 -22.76 -11.93 18.94
CA LYS E 58 -21.54 -12.70 18.68
C LYS E 58 -20.82 -12.23 17.43
N THR E 59 -20.71 -10.92 17.27
CA THR E 59 -20.42 -10.33 15.98
C THR E 59 -19.08 -9.64 15.93
N LYS E 60 -18.22 -10.04 14.99
CA LYS E 60 -16.86 -9.53 15.08
C LYS E 60 -16.76 -8.08 14.63
N GLU E 61 -17.43 -7.67 13.56
CA GLU E 61 -17.33 -6.28 13.12
C GLU E 61 -18.71 -5.73 12.81
N GLN E 62 -18.88 -4.42 13.02
CA GLN E 62 -20.13 -3.72 12.77
C GLN E 62 -19.85 -2.31 12.29
N VAL E 63 -20.58 -1.88 11.28
CA VAL E 63 -20.51 -0.51 10.79
C VAL E 63 -21.94 -0.07 10.50
N THR E 64 -22.30 1.11 10.96
CA THR E 64 -23.56 1.74 10.60
C THR E 64 -23.25 3.11 10.06
N ASN E 65 -23.78 3.43 8.90
CA ASN E 65 -23.43 4.70 8.31
C ASN E 65 -24.68 5.33 7.75
N VAL E 66 -24.77 6.65 7.89
CA VAL E 66 -25.66 7.51 7.13
C VAL E 66 -24.80 8.72 6.83
N GLY E 67 -24.44 8.96 5.57
CA GLY E 67 -23.61 10.13 5.33
C GLY E 67 -22.97 10.20 3.97
N GLY E 68 -21.66 10.44 3.92
CA GLY E 68 -20.71 10.12 4.98
C GLY E 68 -19.80 8.97 4.66
N ALA E 69 -18.73 8.81 5.45
CA ALA E 69 -17.71 7.82 5.15
C ALA E 69 -17.27 7.12 6.43
N VAL E 70 -16.97 5.82 6.28
CA VAL E 70 -16.42 5.01 7.36
C VAL E 70 -15.35 4.13 6.76
N VAL E 71 -14.14 4.20 7.29
CA VAL E 71 -13.04 3.37 6.84
C VAL E 71 -12.55 2.57 8.03
N THR E 72 -12.69 1.26 7.95
CA THR E 72 -12.32 0.39 9.04
C THR E 72 -11.37 -0.71 8.57
N GLY E 73 -11.11 -0.78 7.29
CA GLY E 73 -10.35 -1.89 6.74
C GLY E 73 -8.95 -1.51 6.34
N VAL E 74 -8.14 -2.56 6.21
CA VAL E 74 -6.74 -2.42 5.83
C VAL E 74 -6.65 -1.91 4.41
N THR E 75 -5.78 -0.93 4.19
CA THR E 75 -5.73 -0.28 2.89
C THR E 75 -4.32 0.20 2.64
N ALA E 76 -3.75 -0.15 1.49
CA ALA E 76 -2.41 0.27 1.14
C ALA E 76 -2.45 0.85 -0.24
N VAL E 77 -2.03 2.09 -0.37
CA VAL E 77 -1.94 2.72 -1.68
C VAL E 77 -0.49 3.14 -1.87
N ALA E 78 0.11 2.67 -2.93
CA ALA E 78 1.45 3.11 -3.30
C ALA E 78 1.34 3.71 -4.68
N GLN E 79 1.93 4.87 -4.88
CA GLN E 79 1.62 5.61 -6.07
C GLN E 79 2.80 6.48 -6.43
N LYS E 80 3.02 6.70 -7.72
CA LYS E 80 4.25 7.33 -8.17
C LYS E 80 4.04 8.65 -8.90
N THR E 81 2.95 8.82 -9.62
CA THR E 81 2.72 10.08 -10.33
C THR E 81 1.25 10.19 -10.67
N VAL E 82 0.62 11.31 -10.32
CA VAL E 82 -0.77 11.59 -10.66
C VAL E 82 -0.80 12.90 -11.41
N GLU E 83 -1.43 12.89 -12.58
CA GLU E 83 -1.55 14.09 -13.39
C GLU E 83 -2.98 14.17 -13.90
N GLY E 84 -3.23 15.13 -14.76
CA GLY E 84 -4.53 15.24 -15.40
C GLY E 84 -5.52 16.03 -14.58
N ALA E 85 -6.53 16.57 -15.26
CA ALA E 85 -7.44 17.51 -14.64
C ALA E 85 -8.88 17.23 -15.09
N GLY E 86 -9.61 16.42 -14.30
CA GLY E 86 -9.13 15.84 -13.05
C GLY E 86 -9.55 14.41 -12.91
N SER E 87 -8.59 13.55 -12.62
CA SER E 87 -8.76 12.11 -12.70
C SER E 87 -8.76 11.50 -11.31
N ILE E 88 -9.79 10.72 -11.00
CA ILE E 88 -9.84 10.02 -9.73
C ILE E 88 -8.83 8.88 -9.92
N ALA E 89 -7.69 9.00 -9.26
CA ALA E 89 -6.60 8.03 -9.42
C ALA E 89 -6.94 6.69 -8.78
N ALA E 90 -6.96 6.63 -7.46
CA ALA E 90 -7.25 5.38 -6.78
C ALA E 90 -8.35 5.60 -5.74
N ALA E 91 -9.57 5.22 -6.09
CA ALA E 91 -10.70 5.40 -5.20
C ALA E 91 -11.20 4.05 -4.68
N THR E 92 -11.34 3.91 -3.39
CA THR E 92 -11.84 2.64 -2.86
C THR E 92 -13.34 2.68 -2.61
N GLY E 93 -13.78 3.54 -1.72
CA GLY E 93 -15.21 3.72 -1.50
C GLY E 93 -15.54 5.16 -1.77
N PHE E 94 -16.42 5.42 -2.72
CA PHE E 94 -16.44 6.74 -3.30
C PHE E 94 -17.87 7.03 -3.69
N VAL E 95 -18.25 8.30 -3.56
CA VAL E 95 -19.59 8.76 -3.90
C VAL E 95 -19.49 10.23 -4.30
N LYS E 96 -19.90 10.54 -5.52
CA LYS E 96 -19.85 11.91 -6.01
C LYS E 96 -21.22 12.34 -6.54
N LYS E 97 -21.88 13.24 -5.81
CA LYS E 97 -23.19 13.73 -6.22
C LYS E 97 -23.22 15.24 -6.37
N ASP E 98 -22.30 15.77 -7.17
CA ASP E 98 -22.23 17.20 -7.40
C ASP E 98 -23.50 17.70 -8.07
N GLN E 99 -23.94 18.90 -7.70
CA GLN E 99 -25.14 19.49 -8.28
C GLN E 99 -24.84 20.79 -9.02
N LYS F 45 -39.74 -15.44 17.23
CA LYS F 45 -39.32 -14.06 17.34
C LYS F 45 -40.15 -13.18 16.41
N LYS F 46 -40.05 -11.86 16.60
CA LYS F 46 -40.83 -10.92 15.83
C LYS F 46 -39.96 -9.71 15.50
N GLY F 47 -40.09 -9.21 14.28
CA GLY F 47 -39.38 -8.02 13.86
C GLY F 47 -40.11 -7.23 12.82
N VAL F 48 -40.16 -5.91 12.99
CA VAL F 48 -40.75 -5.01 12.01
C VAL F 48 -39.76 -3.88 11.77
N VAL F 49 -39.37 -3.67 10.52
CA VAL F 49 -38.39 -2.63 10.22
C VAL F 49 -39.00 -1.67 9.20
N HIS F 50 -38.48 -0.45 9.18
CA HIS F 50 -38.73 0.46 8.07
C HIS F 50 -37.60 0.43 7.05
N GLY F 51 -36.43 -0.03 7.45
CA GLY F 51 -35.35 0.01 6.50
C GLY F 51 -34.59 1.33 6.56
N VAL F 52 -33.27 1.23 6.52
CA VAL F 52 -32.60 -0.01 6.19
C VAL F 52 -32.08 -0.72 7.46
N ALA F 53 -32.53 -1.94 7.68
CA ALA F 53 -32.02 -2.69 8.82
C ALA F 53 -30.98 -3.70 8.37
N THR F 54 -30.36 -4.35 9.35
CA THR F 54 -29.54 -5.54 9.12
C THR F 54 -29.53 -6.33 10.43
N VAL F 55 -30.35 -7.36 10.51
CA VAL F 55 -30.60 -8.04 11.77
C VAL F 55 -30.08 -9.46 11.63
N ALA F 56 -29.45 -9.97 12.68
CA ALA F 56 -28.70 -11.20 12.54
C ALA F 56 -28.40 -11.84 13.88
N GLU F 57 -27.73 -12.97 13.82
CA GLU F 57 -27.13 -13.62 14.98
C GLU F 57 -25.90 -14.38 14.50
N LYS F 58 -24.89 -14.48 15.36
CA LYS F 58 -23.67 -15.28 15.14
C LYS F 58 -22.91 -14.84 13.90
N THR F 59 -22.78 -13.52 13.73
CA THR F 59 -22.46 -12.95 12.43
C THR F 59 -21.10 -12.30 12.40
N LYS F 60 -20.23 -12.72 11.49
CA LYS F 60 -18.86 -12.23 11.59
C LYS F 60 -18.73 -10.78 11.13
N GLU F 61 -19.38 -10.38 10.05
CA GLU F 61 -19.24 -8.99 9.60
C GLU F 61 -20.61 -8.41 9.25
N GLN F 62 -20.75 -7.10 9.45
CA GLN F 62 -21.98 -6.39 9.16
C GLN F 62 -21.68 -4.98 8.69
N VAL F 63 -22.37 -4.55 7.66
CA VAL F 63 -22.27 -3.19 7.15
C VAL F 63 -23.68 -2.73 6.84
N THR F 64 -24.03 -1.53 7.29
CA THR F 64 -25.27 -0.89 6.89
C THR F 64 -24.93 0.48 6.34
N ASN F 65 -25.43 0.79 5.17
CA ASN F 65 -25.04 2.06 4.58
C ASN F 65 -26.27 2.71 3.98
N VAL F 66 -26.34 4.02 4.11
CA VAL F 66 -27.20 4.89 3.33
C VAL F 66 -26.31 6.09 3.03
N GLY F 67 -25.93 6.31 1.79
CA GLY F 67 -25.06 7.45 1.55
C GLY F 67 -24.40 7.51 0.20
N GLY F 68 -23.08 7.71 0.17
CA GLY F 68 -22.17 7.39 1.25
C GLY F 68 -21.27 6.21 0.97
N ALA F 69 -20.22 6.05 1.77
CA ALA F 69 -19.21 5.04 1.50
C ALA F 69 -18.81 4.33 2.78
N VAL F 70 -18.53 3.04 2.66
CA VAL F 70 -18.01 2.22 3.75
C VAL F 70 -16.95 1.32 3.18
N VAL F 71 -15.75 1.37 3.74
CA VAL F 71 -14.65 0.52 3.31
C VAL F 71 -14.21 -0.29 4.51
N THR F 72 -14.37 -1.59 4.44
CA THR F 72 -14.02 -2.46 5.55
C THR F 72 -13.10 -3.57 5.11
N GLY F 73 -12.81 -3.67 3.83
CA GLY F 73 -12.06 -4.79 3.30
C GLY F 73 -10.65 -4.45 2.92
N VAL F 74 -9.85 -5.50 2.82
CA VAL F 74 -8.45 -5.41 2.47
C VAL F 74 -8.32 -4.90 1.05
N THR F 75 -7.43 -3.95 0.83
CA THR F 75 -7.34 -3.31 -0.47
C THR F 75 -5.92 -2.86 -0.72
N ALA F 76 -5.35 -3.24 -1.84
CA ALA F 76 -3.99 -2.84 -2.17
C ALA F 76 -3.99 -2.26 -3.56
N VAL F 77 -3.55 -1.03 -3.69
CA VAL F 77 -3.42 -0.42 -5.00
C VAL F 77 -1.97 -0.03 -5.17
N ALA F 78 -1.35 -0.52 -6.22
CA ALA F 78 0.00 -0.11 -6.57
C ALA F 78 -0.07 0.47 -7.95
N GLN F 79 0.54 1.63 -8.15
CA GLN F 79 0.26 2.37 -9.36
C GLN F 79 1.48 3.21 -9.70
N LYS F 80 1.71 3.42 -10.99
CA LYS F 80 2.97 4.01 -11.43
C LYS F 80 2.80 5.33 -12.16
N THR F 81 1.72 5.51 -12.91
CA THR F 81 1.53 6.77 -13.63
C THR F 81 0.06 6.91 -14.00
N VAL F 82 -0.54 8.05 -13.67
CA VAL F 82 -1.92 8.34 -14.03
C VAL F 82 -1.91 9.64 -14.80
N GLU F 83 -2.52 9.64 -15.98
CA GLU F 83 -2.60 10.83 -16.81
C GLU F 83 -4.02 10.94 -17.34
N GLY F 84 -4.24 11.90 -18.23
CA GLY F 84 -5.52 12.02 -18.89
C GLY F 84 -6.52 12.83 -18.09
N ALA F 85 -7.50 13.38 -18.79
CA ALA F 85 -8.41 14.36 -18.18
C ALA F 85 -9.85 14.09 -18.66
N GLY F 86 -10.60 13.30 -17.89
CA GLY F 86 -10.15 12.74 -16.62
C GLY F 86 -10.60 11.31 -16.47
N SER F 87 -9.67 10.44 -16.16
CA SER F 87 -9.87 9.00 -16.23
C SER F 87 -9.90 8.40 -14.83
N ILE F 88 -10.95 7.63 -14.54
CA ILE F 88 -11.03 6.94 -13.26
C ILE F 88 -10.05 5.79 -13.41
N ALA F 89 -8.91 5.90 -12.74
CA ALA F 89 -7.84 4.92 -12.87
C ALA F 89 -8.21 3.57 -12.23
N ALA F 90 -8.27 3.52 -10.91
CA ALA F 90 -8.59 2.29 -10.22
C ALA F 90 -9.70 2.54 -9.21
N ALA F 91 -10.92 2.18 -9.57
CA ALA F 91 -12.06 2.39 -8.70
C ALA F 91 -12.60 1.06 -8.19
N THR F 92 -12.77 0.93 -6.88
CA THR F 92 -13.29 -0.32 -6.37
C THR F 92 -14.79 -0.25 -6.14
N GLY F 93 -15.25 0.63 -5.26
CA GLY F 93 -16.67 0.82 -5.07
C GLY F 93 -16.96 2.26 -5.37
N PHE F 94 -17.82 2.54 -6.32
CA PHE F 94 -17.81 3.85 -6.92
C PHE F 94 -19.22 4.17 -7.34
N VAL F 95 -19.59 5.45 -7.24
CA VAL F 95 -20.91 5.93 -7.59
C VAL F 95 -20.78 7.39 -8.01
N LYS F 96 -21.16 7.70 -9.23
CA LYS F 96 -21.08 9.07 -9.74
C LYS F 96 -22.42 9.51 -10.29
N LYS F 97 -23.08 10.43 -9.59
CA LYS F 97 -24.37 10.94 -10.02
C LYS F 97 -24.38 12.45 -10.19
N ASP F 98 -23.43 12.96 -10.97
CA ASP F 98 -23.33 14.39 -11.22
C ASP F 98 -24.58 14.91 -11.92
N GLN F 99 -24.99 16.12 -11.57
CA GLN F 99 -26.18 16.72 -12.17
C GLN F 99 -25.84 18.01 -12.90
N LYS G 45 -41.88 -17.72 13.36
CA LYS G 45 -41.44 -16.34 13.46
C LYS G 45 -42.23 -15.46 12.51
N LYS G 46 -42.12 -14.15 12.70
CA LYS G 46 -42.87 -13.19 11.89
C LYS G 46 -41.97 -12.00 11.57
N GLY G 47 -42.07 -11.50 10.35
CA GLY G 47 -41.32 -10.34 9.95
C GLY G 47 -42.02 -9.55 8.87
N VAL G 48 -42.06 -8.23 9.03
CA VAL G 48 -42.60 -7.32 8.02
C VAL G 48 -41.59 -6.21 7.80
N VAL G 49 -41.18 -6.01 6.55
CA VAL G 49 -40.17 -4.99 6.27
C VAL G 49 -40.74 -4.04 5.23
N HIS G 50 -40.19 -2.83 5.19
CA HIS G 50 -40.41 -1.93 4.07
C HIS G 50 -39.27 -1.98 3.08
N GLY G 51 -38.11 -2.46 3.50
CA GLY G 51 -37.01 -2.43 2.57
C GLY G 51 -36.23 -1.15 2.65
N VAL G 52 -34.91 -1.26 2.62
CA VAL G 52 -34.26 -2.52 2.31
C VAL G 52 -33.78 -3.23 3.60
N ALA G 53 -34.25 -4.43 3.83
CA ALA G 53 -33.78 -5.18 4.98
C ALA G 53 -32.75 -6.21 4.56
N THR G 54 -32.15 -6.88 5.56
CA THR G 54 -31.36 -8.08 5.35
C THR G 54 -31.38 -8.86 6.65
N VAL G 55 -32.22 -9.87 6.74
CA VAL G 55 -32.51 -10.54 8.00
C VAL G 55 -32.01 -11.96 7.89
N ALA G 56 -31.41 -12.49 8.95
CA ALA G 56 -30.68 -13.73 8.82
C ALA G 56 -30.42 -14.36 10.18
N GLU G 57 -29.78 -15.51 10.16
CA GLU G 57 -29.20 -16.16 11.32
C GLU G 57 -27.98 -16.94 10.87
N LYS G 58 -26.98 -17.06 11.75
CA LYS G 58 -25.77 -17.88 11.56
C LYS G 58 -24.99 -17.45 10.32
N THR G 59 -24.83 -16.15 10.15
CA THR G 59 -24.48 -15.60 8.86
C THR G 59 -23.11 -14.96 8.84
N LYS G 60 -22.23 -15.41 7.94
CA LYS G 60 -20.86 -14.94 8.07
C LYS G 60 -20.69 -13.50 7.59
N GLU G 61 -21.31 -13.10 6.50
CA GLU G 61 -21.13 -11.72 6.04
C GLU G 61 -22.48 -11.12 5.67
N GLN G 62 -22.60 -9.81 5.85
CA GLN G 62 -23.82 -9.06 5.53
C GLN G 62 -23.47 -7.68 5.05
N VAL G 63 -24.15 -7.24 4.00
CA VAL G 63 -24.01 -5.88 3.49
C VAL G 63 -25.41 -5.39 3.15
N THR G 64 -25.74 -4.19 3.58
CA THR G 64 -26.97 -3.53 3.16
C THR G 64 -26.58 -2.17 2.61
N ASN G 65 -27.06 -1.85 1.43
CA ASN G 65 -26.64 -0.61 0.82
C ASN G 65 -27.85 0.05 0.20
N VAL G 66 -27.89 1.37 0.32
CA VAL G 66 -28.71 2.26 -0.48
C VAL G 66 -27.80 3.43 -0.78
N GLY G 67 -27.39 3.63 -2.03
CA GLY G 67 -26.51 4.76 -2.25
C GLY G 67 -25.82 4.78 -3.60
N GLY G 68 -24.49 4.97 -3.59
CA GLY G 68 -23.61 4.64 -2.49
C GLY G 68 -22.71 3.44 -2.76
N ALA G 69 -21.69 3.27 -1.94
CA ALA G 69 -20.70 2.23 -2.18
C ALA G 69 -20.33 1.53 -0.88
N VAL G 70 -20.07 0.24 -0.98
CA VAL G 70 -19.59 -0.57 0.12
C VAL G 70 -18.53 -1.51 -0.43
N VAL G 71 -17.34 -1.47 0.15
CA VAL G 71 -16.25 -2.35 -0.24
C VAL G 71 -15.84 -3.15 0.97
N THR G 72 -16.03 -4.46 0.92
CA THR G 72 -15.73 -5.33 2.03
C THR G 72 -14.81 -6.45 1.62
N GLY G 73 -14.50 -6.57 0.33
CA GLY G 73 -13.77 -7.71 -0.16
C GLY G 73 -12.34 -7.39 -0.52
N VAL G 74 -11.56 -8.47 -0.60
CA VAL G 74 -10.15 -8.40 -0.92
C VAL G 74 -9.99 -7.91 -2.34
N THR G 75 -9.08 -6.98 -2.56
CA THR G 75 -8.96 -6.35 -3.87
C THR G 75 -7.52 -5.92 -4.08
N ALA G 76 -6.93 -6.32 -5.19
CA ALA G 76 -5.57 -5.96 -5.50
C ALA G 76 -5.52 -5.40 -6.89
N VAL G 77 -5.06 -4.17 -7.03
CA VAL G 77 -4.90 -3.58 -8.35
C VAL G 77 -3.44 -3.22 -8.49
N ALA G 78 -2.80 -3.72 -9.53
CA ALA G 78 -1.45 -3.34 -9.85
C ALA G 78 -1.48 -2.76 -11.24
N GLN G 79 -0.85 -1.63 -11.44
CA GLN G 79 -1.08 -0.90 -12.66
C GLN G 79 0.15 -0.08 -12.99
N LYS G 80 0.42 0.11 -14.27
CA LYS G 80 1.69 0.69 -14.70
C LYS G 80 1.55 1.99 -15.44
N THR G 81 0.49 2.20 -16.22
CA THR G 81 0.33 3.44 -16.95
C THR G 81 -1.12 3.61 -17.35
N VAL G 82 -1.71 4.75 -17.03
CA VAL G 82 -3.08 5.07 -17.43
C VAL G 82 -3.04 6.37 -18.20
N GLU G 83 -3.62 6.37 -19.39
CA GLU G 83 -3.66 7.55 -20.23
C GLU G 83 -5.06 7.67 -20.79
N GLY G 84 -5.26 8.63 -21.69
CA GLY G 84 -6.52 8.77 -22.38
C GLY G 84 -7.52 9.62 -21.60
N ALA G 85 -8.47 10.17 -22.33
CA ALA G 85 -9.37 11.17 -21.75
C ALA G 85 -10.80 10.93 -22.24
N GLY G 86 -11.58 10.16 -21.48
CA GLY G 86 -11.18 9.59 -20.20
C GLY G 86 -11.66 8.17 -20.04
N SER G 87 -10.74 7.29 -19.70
CA SER G 87 -10.96 5.86 -19.77
C SER G 87 -11.04 5.26 -18.36
N ILE G 88 -12.11 4.54 -18.09
CA ILE G 88 -12.22 3.86 -16.80
C ILE G 88 -11.26 2.69 -16.93
N ALA G 89 -10.12 2.78 -16.24
CA ALA G 89 -9.08 1.77 -16.34
C ALA G 89 -9.48 0.45 -15.70
N ALA G 90 -9.56 0.40 -14.37
CA ALA G 90 -9.92 -0.81 -13.68
C ALA G 90 -11.04 -0.54 -12.69
N ALA G 91 -12.27 -0.87 -13.07
CA ALA G 91 -13.42 -0.65 -12.22
C ALA G 91 -13.98 -1.96 -11.72
N THR G 92 -14.18 -2.07 -10.41
CA THR G 92 -14.74 -3.31 -9.89
C THR G 92 -16.25 -3.21 -9.68
N GLY G 93 -16.70 -2.31 -8.83
CA GLY G 93 -18.11 -2.08 -8.67
C GLY G 93 -18.38 -0.64 -8.98
N PHE G 94 -19.21 -0.36 -9.96
CA PHE G 94 -19.17 0.95 -10.56
C PHE G 94 -20.57 1.29 -11.01
N VAL G 95 -20.91 2.57 -10.92
CA VAL G 95 -22.22 3.08 -11.30
C VAL G 95 -22.05 4.53 -11.72
N LYS G 96 -22.41 4.83 -12.97
CA LYS G 96 -22.29 6.20 -13.48
C LYS G 96 -23.61 6.67 -14.06
N LYS G 97 -24.26 7.60 -13.38
CA LYS G 97 -25.55 8.12 -13.84
C LYS G 97 -25.51 9.63 -14.02
N ASP G 98 -24.54 10.12 -14.79
CA ASP G 98 -24.41 11.55 -15.05
C ASP G 98 -25.64 12.08 -15.78
N GLN G 99 -26.04 13.30 -15.44
CA GLN G 99 -27.21 13.92 -16.07
C GLN G 99 -26.82 15.19 -16.82
N LYS H 45 35.50 14.40 -23.08
CA LYS H 45 35.90 14.47 -21.68
C LYS H 45 36.62 13.20 -21.27
N LYS H 46 37.26 13.25 -20.11
CA LYS H 46 38.05 12.12 -19.62
C LYS H 46 37.84 11.99 -18.13
N GLY H 47 37.74 10.75 -17.66
CA GLY H 47 37.59 10.48 -16.25
C GLY H 47 38.18 9.14 -15.85
N VAL H 48 38.93 9.11 -14.76
CA VAL H 48 39.46 7.88 -14.19
C VAL H 48 39.15 7.88 -12.72
N VAL H 49 38.49 6.83 -12.23
CA VAL H 49 38.11 6.79 -10.82
C VAL H 49 38.68 5.50 -10.22
N HIS H 50 38.86 5.52 -8.91
CA HIS H 50 39.09 4.28 -8.16
C HIS H 50 37.81 3.75 -7.55
N GLY H 51 36.82 4.59 -7.38
CA GLY H 51 35.63 4.10 -6.72
C GLY H 51 35.71 4.28 -5.22
N VAL H 52 34.60 4.73 -4.64
CA VAL H 52 33.34 4.82 -5.34
C VAL H 52 33.07 6.27 -5.80
N ALA H 53 32.90 6.47 -7.08
CA ALA H 53 32.56 7.80 -7.56
C ALA H 53 31.07 7.89 -7.87
N THR H 54 30.63 9.11 -8.21
CA THR H 54 29.32 9.34 -8.80
C THR H 54 29.41 10.65 -9.57
N VAL H 55 29.58 10.57 -10.87
CA VAL H 55 29.92 11.72 -11.69
C VAL H 55 28.76 11.96 -12.64
N ALA H 56 28.40 13.23 -12.84
CA ALA H 56 27.15 13.52 -13.52
C ALA H 56 27.12 14.95 -14.03
N GLU H 57 26.00 15.29 -14.66
CA GLU H 57 25.64 16.65 -15.01
C GLU H 57 24.12 16.74 -15.00
N LYS H 58 23.60 17.94 -14.65
CA LYS H 58 22.17 18.27 -14.71
C LYS H 58 21.33 17.32 -13.85
N THR H 59 21.81 17.06 -12.64
CA THR H 59 21.35 15.91 -11.89
C THR H 59 20.59 16.28 -10.64
N LYS H 60 19.37 15.80 -10.49
CA LYS H 60 18.58 16.33 -9.39
C LYS H 60 19.01 15.78 -8.04
N GLU H 61 19.31 14.49 -7.93
CA GLU H 61 19.71 13.95 -6.63
C GLU H 61 20.93 13.06 -6.80
N GLN H 62 21.77 13.02 -5.75
CA GLN H 62 22.98 12.22 -5.73
C GLN H 62 23.25 11.72 -4.34
N VAL H 63 23.62 10.46 -4.23
CA VAL H 63 24.03 9.85 -2.96
C VAL H 63 25.25 8.99 -3.25
N THR H 64 26.28 9.13 -2.44
CA THR H 64 27.42 8.24 -2.46
C THR H 64 27.61 7.68 -1.08
N ASN H 65 27.73 6.38 -0.96
CA ASN H 65 27.82 5.81 0.36
C ASN H 65 28.88 4.73 0.35
N VAL H 66 29.63 4.66 1.44
CA VAL H 66 30.44 3.52 1.83
C VAL H 66 30.22 3.41 3.31
N GLY H 67 29.56 2.37 3.80
CA GLY H 67 29.36 2.31 5.23
C GLY H 67 28.35 1.30 5.72
N GLY H 68 27.41 1.73 6.55
CA GLY H 68 26.94 3.10 6.66
C GLY H 68 25.55 3.31 6.12
N ALA H 69 24.95 4.45 6.44
CA ALA H 69 23.55 4.69 6.10
C ALA H 69 23.38 6.12 5.59
N VAL H 70 22.48 6.26 4.64
CA VAL H 70 22.08 7.56 4.10
C VAL H 70 20.57 7.53 3.90
N VAL H 71 19.87 8.49 4.51
CA VAL H 71 18.43 8.59 4.35
C VAL H 71 18.13 9.97 3.80
N THR H 72 17.59 10.01 2.60
CA THR H 72 17.31 11.27 1.93
C THR H 72 15.87 11.33 1.48
N GLY H 73 15.11 10.27 1.64
CA GLY H 73 13.78 10.19 1.09
C GLY H 73 12.69 10.32 2.13
N VAL H 74 11.51 10.64 1.62
CA VAL H 74 10.32 10.82 2.43
C VAL H 74 9.94 9.48 3.04
N THR H 75 9.63 9.48 4.33
CA THR H 75 9.39 8.23 5.03
C THR H 75 8.40 8.47 6.16
N ALA H 76 7.34 7.68 6.21
CA ALA H 76 6.34 7.82 7.24
C ALA H 76 6.10 6.47 7.85
N VAL H 77 6.31 6.33 9.15
CA VAL H 77 6.02 5.10 9.84
C VAL H 77 5.01 5.41 10.92
N ALA H 78 3.89 4.74 10.89
CA ALA H 78 2.91 4.84 11.95
C ALA H 78 2.73 3.47 12.53
N GLN H 79 2.73 3.36 13.84
CA GLN H 79 2.86 2.06 14.44
C GLN H 79 2.20 2.07 15.79
N LYS H 80 1.63 0.94 16.20
CA LYS H 80 0.78 0.91 17.37
C LYS H 80 1.29 0.00 18.48
N THR H 81 1.94 -1.11 18.15
CA THR H 81 2.44 -2.00 19.19
C THR H 81 3.52 -2.88 18.61
N VAL H 82 4.67 -2.95 19.25
CA VAL H 82 5.76 -3.81 18.84
C VAL H 82 6.12 -4.68 20.04
N GLU H 83 6.16 -5.99 19.81
CA GLU H 83 6.49 -6.94 20.86
C GLU H 83 7.45 -7.96 20.29
N GLY H 84 7.77 -8.97 21.07
CA GLY H 84 8.59 -10.07 20.58
C GLY H 84 10.07 -9.79 20.72
N ALA H 85 10.85 -10.86 20.75
CA ALA H 85 12.27 -10.76 21.09
C ALA H 85 13.09 -11.68 20.18
N GLY H 86 13.57 -11.14 19.06
CA GLY H 86 13.43 -9.75 18.69
C GLY H 86 13.14 -9.59 17.22
N SER H 87 12.08 -8.85 16.92
CA SER H 87 11.50 -8.80 15.59
C SER H 87 11.76 -7.44 14.95
N ILE H 88 12.33 -7.46 13.74
CA ILE H 88 12.52 -6.22 13.01
C ILE H 88 11.13 -5.86 12.52
N ALA H 89 10.54 -4.84 13.14
CA ALA H 89 9.17 -4.45 12.83
C ALA H 89 9.03 -3.82 11.44
N ALA H 90 9.56 -2.61 11.28
CA ALA H 90 9.46 -1.94 9.99
C ALA H 90 10.84 -1.44 9.56
N ALA H 91 11.49 -2.16 8.67
CA ALA H 91 12.81 -1.80 8.21
C ALA H 91 12.75 -1.35 6.75
N THR H 92 13.32 -0.20 6.45
CA THR H 92 13.32 0.25 5.08
C THR H 92 14.61 -0.09 4.36
N GLY H 93 15.73 0.45 4.82
CA GLY H 93 17.01 0.08 4.26
C GLY H 93 17.85 -0.48 5.38
N PHE H 94 18.30 -1.72 5.25
CA PHE H 94 18.71 -2.43 6.44
C PHE H 94 19.82 -3.37 6.04
N VAL H 95 20.77 -3.57 6.94
CA VAL H 95 21.92 -4.43 6.73
C VAL H 95 22.38 -4.95 8.08
N LYS H 96 22.37 -6.26 8.26
CA LYS H 96 22.79 -6.87 9.51
C LYS H 96 23.86 -7.93 9.27
N LYS H 97 25.08 -7.63 9.67
CA LYS H 97 26.19 -8.57 9.48
C LYS H 97 26.88 -8.91 10.81
N ASP H 98 26.08 -9.36 11.78
CA ASP H 98 26.62 -9.73 13.08
C ASP H 98 27.59 -10.90 12.95
N GLN H 99 28.64 -10.88 13.76
CA GLN H 99 29.65 -11.93 13.72
C GLN H 99 29.73 -12.66 15.06
N LYS I 45 -33.15 -8.55 28.79
CA LYS I 45 -32.81 -7.14 28.91
C LYS I 45 -33.74 -6.30 28.05
N LYS I 46 -33.70 -4.98 28.26
CA LYS I 46 -34.58 -4.07 27.56
C LYS I 46 -33.80 -2.81 27.21
N GLY I 47 -34.04 -2.29 26.01
CA GLY I 47 -33.40 -1.05 25.59
C GLY I 47 -34.24 -0.28 24.61
N VAL I 48 -34.36 1.02 24.81
CA VAL I 48 -35.05 1.91 23.88
C VAL I 48 -34.14 3.10 23.62
N VAL I 49 -33.84 3.37 22.35
CA VAL I 49 -32.93 4.47 22.03
C VAL I 49 -33.65 5.41 21.08
N HIS I 50 -33.20 6.65 21.04
CA HIS I 50 -33.57 7.57 19.98
C HIS I 50 -32.50 7.64 18.90
N GLY I 51 -31.29 7.23 19.22
CA GLY I 51 -30.26 7.37 18.22
C GLY I 51 -29.58 8.72 18.27
N VAL I 52 -28.25 8.70 18.15
CA VAL I 52 -27.54 7.51 17.75
C VAL I 52 -26.92 6.80 18.98
N ALA I 53 -27.28 5.55 19.19
CA ALA I 53 -26.66 4.81 20.29
C ALA I 53 -25.59 3.87 19.76
N THR I 54 -24.88 3.24 20.68
CA THR I 54 -24.00 2.10 20.37
C THR I 54 -23.88 1.29 21.65
N VAL I 55 -24.63 0.21 21.77
CA VAL I 55 -24.77 -0.51 23.02
C VAL I 55 -24.18 -1.89 22.81
N ALA I 56 -23.46 -2.39 23.82
CA ALA I 56 -22.65 -3.57 23.60
C ALA I 56 -22.25 -4.22 24.90
N GLU I 57 -21.52 -5.32 24.79
CA GLU I 57 -20.81 -5.95 25.88
C GLU I 57 -19.57 -6.63 25.33
N LYS I 58 -18.50 -6.69 26.13
CA LYS I 58 -17.26 -7.40 25.82
C LYS I 58 -16.61 -6.89 24.55
N THR I 59 -16.55 -5.58 24.41
CA THR I 59 -16.34 -4.96 23.12
C THR I 59 -15.02 -4.22 23.02
N LYS I 60 -14.18 -4.57 22.06
CA LYS I 60 -12.84 -4.01 22.09
C LYS I 60 -12.82 -2.54 21.66
N GLU I 61 -13.55 -2.15 20.62
CA GLU I 61 -13.52 -0.75 20.20
C GLU I 61 -14.92 -0.25 19.94
N GLN I 62 -15.14 1.05 20.17
CA GLN I 62 -16.43 1.70 19.99
C GLN I 62 -16.23 3.12 19.53
N VAL I 63 -17.00 3.54 18.54
CA VAL I 63 -17.01 4.92 18.07
C VAL I 63 -18.46 5.30 17.84
N THR I 64 -18.85 6.46 18.35
CA THR I 64 -20.15 7.05 18.03
C THR I 64 -19.90 8.43 17.50
N ASN I 65 -20.50 8.75 16.37
CA ASN I 65 -20.22 10.05 15.78
C ASN I 65 -21.51 10.63 15.27
N VAL I 66 -21.64 11.94 15.44
CA VAL I 66 -22.59 12.79 14.73
C VAL I 66 -21.80 14.02 14.41
N GLY I 67 -21.50 14.30 13.15
CA GLY I 67 -20.71 15.50 12.90
C GLY I 67 -20.14 15.62 11.51
N GLY I 68 -18.83 15.90 11.42
CA GLY I 68 -17.85 15.60 12.44
C GLY I 68 -16.90 14.50 12.07
N ALA I 69 -15.79 14.37 12.81
CA ALA I 69 -14.74 13.43 12.46
C ALA I 69 -14.24 12.72 13.71
N VAL I 70 -13.88 11.45 13.54
CA VAL I 70 -13.27 10.65 14.57
C VAL I 70 -12.19 9.81 13.93
N VAL I 71 -10.96 9.92 14.42
CA VAL I 71 -9.84 9.14 13.92
C VAL I 71 -9.28 8.34 15.07
N THR I 72 -9.37 7.03 14.97
CA THR I 72 -8.92 6.16 16.03
C THR I 72 -7.95 5.11 15.52
N GLY I 73 -7.73 5.06 14.22
CA GLY I 73 -6.96 4.00 13.63
C GLY I 73 -5.58 4.43 13.18
N VAL I 74 -4.74 3.43 13.01
CA VAL I 74 -3.36 3.61 12.58
C VAL I 74 -3.35 4.15 11.18
N THR I 75 -2.52 5.15 10.92
CA THR I 75 -2.55 5.84 9.63
C THR I 75 -1.18 6.37 9.33
N ALA I 76 -0.64 6.05 8.17
CA ALA I 76 0.67 6.53 7.78
C ALA I 76 0.57 7.14 6.40
N VAL I 77 0.93 8.39 6.28
CA VAL I 77 0.94 9.04 4.97
C VAL I 77 2.35 9.52 4.73
N ALA I 78 2.94 9.09 3.64
CA ALA I 78 4.24 9.58 3.23
C ALA I 78 4.05 10.20 1.86
N GLN I 79 4.59 11.38 1.66
CA GLN I 79 4.21 12.13 0.49
C GLN I 79 5.35 13.05 0.10
N LYS I 80 5.52 13.30 -1.19
CA LYS I 80 6.70 13.98 -1.68
C LYS I 80 6.41 15.30 -2.38
N THR I 81 5.28 15.43 -3.06
CA THR I 81 4.98 16.69 -3.73
C THR I 81 3.49 16.76 -4.02
N VAL I 82 2.84 17.84 -3.63
CA VAL I 82 1.43 18.07 -3.91
C VAL I 82 1.32 19.39 -4.64
N GLU I 83 0.64 19.37 -5.78
CA GLU I 83 0.45 20.57 -6.58
C GLU I 83 -1.00 20.61 -7.03
N GLY I 84 -1.33 21.57 -7.87
CA GLY I 84 -2.65 21.63 -8.47
C GLY I 84 -3.65 22.37 -7.59
N ALA I 85 -4.70 22.87 -8.23
CA ALA I 85 -5.62 23.79 -7.55
C ALA I 85 -7.06 23.44 -7.95
N GLY I 86 -7.72 22.59 -7.16
CA GLY I 86 -7.18 22.02 -5.94
C GLY I 86 -7.54 20.57 -5.79
N SER I 87 -6.53 19.75 -5.56
CA SER I 87 -6.65 18.31 -5.64
C SER I 87 -6.57 17.67 -4.26
N ILE I 88 -7.56 16.85 -3.94
CA ILE I 88 -7.53 16.13 -2.67
C ILE I 88 -6.49 15.04 -2.91
N ALA I 89 -5.33 15.20 -2.30
CA ALA I 89 -4.21 14.28 -2.50
C ALA I 89 -4.47 12.90 -1.88
N ALA I 90 -4.45 12.83 -0.56
CA ALA I 90 -4.66 11.56 0.12
C ALA I 90 -5.72 11.72 1.20
N ALA I 91 -6.94 11.30 0.88
CA ALA I 91 -8.05 11.42 1.83
C ALA I 91 -8.46 10.05 2.34
N THR I 92 -8.56 9.88 3.64
CA THR I 92 -8.98 8.60 4.15
C THR I 92 -10.47 8.57 4.47
N GLY I 93 -10.92 9.40 5.39
CA GLY I 93 -12.34 9.51 5.66
C GLY I 93 -12.73 10.94 5.41
N PHE I 94 -13.66 11.19 4.51
CA PHE I 94 -13.75 12.51 3.96
C PHE I 94 -15.21 12.75 3.62
N VAL I 95 -15.63 14.00 3.77
CA VAL I 95 -17.00 14.42 3.50
C VAL I 95 -16.98 15.89 3.12
N LYS I 96 -17.45 16.20 1.92
CA LYS I 96 -17.47 17.58 1.45
C LYS I 96 -18.87 17.97 0.97
N LYS I 97 -19.53 18.82 1.74
CA LYS I 97 -20.88 19.26 1.39
C LYS I 97 -20.98 20.78 1.26
N ASP I 98 -20.10 21.36 0.44
CA ASP I 98 -20.09 22.80 0.22
C ASP I 98 -21.42 23.25 -0.40
N GLN I 99 -21.88 24.43 0.01
CA GLN I 99 -23.13 24.97 -0.51
C GLN I 99 -22.91 26.29 -1.24
N LYS J 45 -35.37 -10.81 25.04
CA LYS J 45 -35.00 -9.41 25.15
C LYS J 45 -35.89 -8.56 24.27
N LYS J 46 -35.84 -7.24 24.48
CA LYS J 46 -36.69 -6.32 23.74
C LYS J 46 -35.88 -5.08 23.40
N GLY J 47 -36.08 -4.56 22.19
CA GLY J 47 -35.41 -3.35 21.78
C GLY J 47 -36.22 -2.57 20.76
N VAL J 48 -36.32 -1.26 20.95
CA VAL J 48 -36.98 -0.36 20.00
C VAL J 48 -36.04 0.81 19.75
N VAL J 49 -35.71 1.06 18.49
CA VAL J 49 -34.78 2.13 18.17
C VAL J 49 -35.46 3.07 17.19
N HIS J 50 -35.00 4.32 17.16
CA HIS J 50 -35.31 5.23 16.07
C HIS J 50 -34.23 5.26 15.02
N GLY J 51 -33.04 4.84 15.36
CA GLY J 51 -31.98 4.95 14.37
C GLY J 51 -31.29 6.28 14.43
N VAL J 52 -29.96 6.23 14.33
CA VAL J 52 -29.24 5.03 13.95
C VAL J 52 -28.67 4.32 15.19
N ALA J 53 -29.05 3.08 15.42
CA ALA J 53 -28.48 2.34 16.52
C ALA J 53 -27.42 1.38 16.03
N THR J 54 -26.73 0.74 16.97
CA THR J 54 -25.88 -0.42 16.69
C THR J 54 -25.78 -1.22 17.98
N VAL J 55 -26.56 -2.29 18.09
CA VAL J 55 -26.74 -3.00 19.34
C VAL J 55 -26.17 -4.38 19.16
N ALA J 56 -25.48 -4.90 20.19
CA ALA J 56 -24.67 -6.09 19.99
C ALA J 56 -24.32 -6.74 21.31
N GLU J 57 -23.61 -7.85 21.22
CA GLU J 57 -22.93 -8.49 22.33
C GLU J 57 -21.70 -9.18 21.79
N LYS J 58 -20.65 -9.26 22.62
CA LYS J 58 -19.40 -10.00 22.34
C LYS J 58 -18.72 -9.51 21.07
N THR J 59 -18.65 -8.21 20.93
CA THR J 59 -18.40 -7.60 19.64
C THR J 59 -17.07 -6.88 19.55
N LYS J 60 -16.22 -7.27 18.60
CA LYS J 60 -14.87 -6.72 18.65
C LYS J 60 -14.81 -5.26 18.21
N GLU J 61 -15.52 -4.87 17.16
CA GLU J 61 -15.44 -3.48 16.73
C GLU J 61 -16.84 -2.95 16.44
N GLN J 62 -17.03 -1.65 16.65
CA GLN J 62 -18.30 -0.96 16.44
C GLN J 62 -18.05 0.44 15.97
N VAL J 63 -18.81 0.87 14.97
CA VAL J 63 -18.79 2.24 14.48
C VAL J 63 -20.22 2.65 14.23
N THR J 64 -20.60 3.82 14.71
CA THR J 64 -21.88 4.43 14.37
C THR J 64 -21.60 5.80 13.83
N ASN J 65 -22.17 6.13 12.69
CA ASN J 65 -21.85 7.41 12.10
C ASN J 65 -23.13 8.01 11.56
N VAL J 66 -23.24 9.33 11.71
CA VAL J 66 -24.16 10.18 10.97
C VAL J 66 -23.33 11.40 10.65
N GLY J 67 -23.00 11.66 9.40
CA GLY J 67 -22.20 12.84 9.14
C GLY J 67 -21.58 12.93 7.77
N GLY J 68 -20.29 13.19 7.70
CA GLY J 68 -19.31 12.89 8.74
C GLY J 68 -18.38 11.76 8.40
N ALA J 69 -17.30 11.62 9.16
CA ALA J 69 -16.26 10.65 8.84
C ALA J 69 -15.78 9.95 10.09
N VAL J 70 -15.46 8.67 9.94
CA VAL J 70 -14.87 7.86 11.00
C VAL J 70 -13.80 7.00 10.38
N VAL J 71 -12.57 7.09 10.89
CA VAL J 71 -11.46 6.29 10.41
C VAL J 71 -10.94 5.48 11.59
N THR J 72 -11.06 4.18 11.51
CA THR J 72 -10.64 3.30 12.58
C THR J 72 -9.68 2.24 12.09
N GLY J 73 -9.44 2.17 10.80
CA GLY J 73 -8.68 1.08 10.23
C GLY J 73 -7.30 1.49 9.80
N VAL J 74 -6.46 0.46 9.65
CA VAL J 74 -5.07 0.62 9.25
C VAL J 74 -5.02 1.15 7.82
N THR J 75 -4.17 2.14 7.59
CA THR J 75 -4.17 2.80 6.30
C THR J 75 -2.77 3.31 6.01
N ALA J 76 -2.23 2.97 4.86
CA ALA J 76 -0.90 3.41 4.49
C ALA J 76 -0.97 4.01 3.11
N VAL J 77 -0.58 5.26 2.96
CA VAL J 77 -0.53 5.89 1.66
C VAL J 77 0.89 6.35 1.44
N ALA J 78 1.50 5.90 0.37
CA ALA J 78 2.80 6.36 -0.03
C ALA J 78 2.66 6.96 -1.40
N GLN J 79 3.22 8.13 -1.61
CA GLN J 79 2.87 8.89 -2.79
C GLN J 79 4.04 9.77 -3.17
N LYS J 80 4.22 10.00 -4.46
CA LYS J 80 5.43 10.66 -4.93
C LYS J 80 5.18 11.98 -5.64
N THR J 81 4.06 12.13 -6.35
CA THR J 81 3.79 13.38 -7.04
C THR J 81 2.32 13.47 -7.36
N VAL J 82 1.68 14.57 -6.98
CA VAL J 82 0.28 14.83 -7.29
C VAL J 82 0.20 16.14 -8.04
N GLU J 83 -0.45 16.13 -9.19
CA GLU J 83 -0.60 17.33 -10.00
C GLU J 83 -2.04 17.38 -10.48
N GLY J 84 -2.34 18.35 -11.33
CA GLY J 84 -3.65 18.43 -11.95
C GLY J 84 -4.64 19.19 -11.10
N ALA J 85 -5.67 19.71 -11.75
CA ALA J 85 -6.59 20.64 -11.11
C ALA J 85 -8.03 20.33 -11.53
N GLY J 86 -8.72 19.49 -10.73
CA GLY J 86 -8.21 18.93 -9.51
C GLY J 86 -8.60 17.48 -9.35
N SER J 87 -7.62 16.64 -9.09
CA SER J 87 -7.76 15.21 -9.17
C SER J 87 -7.72 14.58 -7.78
N ILE J 88 -8.73 13.78 -7.45
CA ILE J 88 -8.73 13.06 -6.20
C ILE J 88 -7.71 11.96 -6.40
N ALA J 89 -6.56 12.10 -5.78
CA ALA J 89 -5.46 11.16 -5.95
C ALA J 89 -5.75 9.80 -5.32
N ALA J 90 -5.75 9.73 -4.00
CA ALA J 90 -6.00 8.48 -3.31
C ALA J 90 -7.09 8.67 -2.25
N ALA J 91 -8.31 8.26 -2.58
CA ALA J 91 -9.42 8.41 -1.66
C ALA J 91 -9.88 7.06 -1.15
N THR J 92 -9.99 6.90 0.15
CA THR J 92 -10.45 5.63 0.67
C THR J 92 -11.94 5.64 0.96
N GLY J 93 -12.39 6.49 1.87
CA GLY J 93 -13.81 6.62 2.11
C GLY J 93 -14.17 8.06 1.85
N PHE J 94 -15.08 8.31 0.93
CA PHE J 94 -15.14 9.64 0.36
C PHE J 94 -16.58 9.90 0.00
N VAL J 95 -16.99 11.16 0.13
CA VAL J 95 -18.34 11.60 -0.17
C VAL J 95 -18.28 13.06 -0.57
N LYS J 96 -18.72 13.38 -1.77
CA LYS J 96 -18.72 14.75 -2.26
C LYS J 96 -20.09 15.16 -2.76
N LYS J 97 -20.76 16.04 -2.01
CA LYS J 97 -22.09 16.50 -2.39
C LYS J 97 -22.15 18.01 -2.54
N ASP J 98 -21.25 18.57 -3.35
CA ASP J 98 -21.23 20.00 -3.58
C ASP J 98 -22.52 20.48 -4.22
N GLN J 99 -22.97 21.67 -3.84
CA GLN J 99 -24.19 22.24 -4.38
C GLN J 99 -23.93 23.54 -5.12
#